data_3KS8
#
_entry.id   3KS8
#
_cell.length_a   85.685
_cell.length_b   85.685
_cell.length_c   108.812
_cell.angle_alpha   90.00
_cell.angle_beta   90.00
_cell.angle_gamma   120.00
#
_symmetry.space_group_name_H-M   'P 31'
#
loop_
_entity.id
_entity.type
_entity.pdbx_description
1 polymer "5'-R(*AP*GP*AP*AP*GP*GP*AP*GP*GP*GP*AP*GP*GP*GP*AP*GP*GP*A)-3'"
2 polymer "5'-R(*UP*CP*CP*UP*CP*CP*CP*UP*CP*CP*CP*UP*CP*CP*UP*UP*CP*U)-3'"
3 polymer 'Polymerase cofactor VP35'
4 water water
#
loop_
_entity_poly.entity_id
_entity_poly.type
_entity_poly.pdbx_seq_one_letter_code
_entity_poly.pdbx_strand_id
1 'polyribonucleotide' AGAAGGAGGGAGGGAGGA E
2 'polyribonucleotide' UCCUCCCUCCCUCCUUCU F
3 'polypeptide(L)'
;MAHHHHHHVDDDDKPGPALYEENALKGKIDDPNSYVPDAVQEAYKNLDSTSTLTEENFGKPYISAKDLKEIMYDHLPGFG
TAFHQLVQVICKIGKDNNLLDTIHAEFQASLADGDSPQCALIQITKRVPIFQDVPPPIIHIRSRGDIPRACQKSLRPAPP
SPKIDRGWVCLFKMQDGKTLGLKI
;
A,B,C,D
#
loop_
_chem_comp.id
_chem_comp.type
_chem_comp.name
_chem_comp.formula
A RNA linking ADENOSINE-5'-MONOPHOSPHATE 'C10 H14 N5 O7 P'
C RNA linking CYTIDINE-5'-MONOPHOSPHATE 'C9 H14 N3 O8 P'
G RNA linking GUANOSINE-5'-MONOPHOSPHATE 'C10 H14 N5 O8 P'
U RNA linking URIDINE-5'-MONOPHOSPHATE 'C9 H13 N2 O9 P'
#
# COMPACT_ATOMS: atom_id res chain seq x y z
N ILE C 63 -29.15 -16.00 12.24
CA ILE C 63 -27.91 -15.35 11.78
C ILE C 63 -27.93 -13.84 12.07
N SER C 64 -26.78 -13.29 12.42
CA SER C 64 -26.71 -11.89 12.85
C SER C 64 -26.03 -10.97 11.84
N ALA C 65 -26.34 -9.68 11.93
CA ALA C 65 -25.79 -8.68 11.02
C ALA C 65 -24.30 -8.52 11.23
N LYS C 66 -23.90 -8.40 12.48
CA LYS C 66 -22.49 -8.29 12.83
C LYS C 66 -21.74 -9.51 12.32
N ASP C 67 -22.28 -10.69 12.57
CA ASP C 67 -21.60 -11.92 12.19
C ASP C 67 -21.46 -12.08 10.69
N LEU C 68 -22.53 -11.77 9.95
CA LEU C 68 -22.56 -11.97 8.51
C LEU C 68 -21.61 -11.01 7.80
N LYS C 69 -21.55 -9.77 8.29
CA LYS C 69 -20.58 -8.82 7.74
C LYS C 69 -19.18 -9.39 7.87
N GLU C 70 -18.89 -9.96 9.03
CA GLU C 70 -17.57 -10.51 9.30
C GLU C 70 -17.29 -11.70 8.40
N ILE C 71 -18.32 -12.49 8.10
CA ILE C 71 -18.16 -13.59 7.16
C ILE C 71 -17.78 -13.02 5.80
N MET C 72 -18.56 -12.08 5.34
CA MET C 72 -18.41 -11.56 4.00
C MET C 72 -17.01 -10.94 3.88
N TYR C 73 -16.63 -10.16 4.89
CA TYR C 73 -15.32 -9.53 4.95
C TYR C 73 -14.15 -10.50 4.88
N ASP C 74 -14.27 -11.60 5.64
CA ASP C 74 -13.24 -12.63 5.68
C ASP C 74 -12.96 -13.22 4.30
N HIS C 75 -13.79 -12.86 3.31
CA HIS C 75 -13.64 -13.38 1.94
C HIS C 75 -13.06 -12.34 1.01
N LEU C 76 -13.16 -11.07 1.41
CA LEU C 76 -12.77 -9.99 0.54
C LEU C 76 -11.29 -9.68 0.63
N PRO C 77 -10.67 -9.42 -0.53
CA PRO C 77 -9.32 -8.87 -0.66
C PRO C 77 -9.30 -7.40 -0.27
N GLY C 78 -8.14 -6.90 0.15
CA GLY C 78 -7.98 -5.50 0.49
C GLY C 78 -8.66 -5.15 1.80
N PHE C 79 -8.68 -3.86 2.12
CA PHE C 79 -9.59 -3.32 3.12
C PHE C 79 -10.05 -1.98 2.56
N GLY C 80 -11.25 -1.55 2.96
CA GLY C 80 -11.83 -0.31 2.44
C GLY C 80 -12.09 -0.23 0.94
N THR C 81 -12.39 -1.36 0.29
CA THR C 81 -12.79 -1.34 -1.12
C THR C 81 -14.30 -1.14 -1.28
N ALA C 82 -14.72 -0.92 -2.53
CA ALA C 82 -16.13 -0.74 -2.84
C ALA C 82 -16.99 -1.91 -2.36
N PHE C 83 -16.43 -3.13 -2.39
CA PHE C 83 -17.19 -4.30 -1.95
C PHE C 83 -17.33 -4.33 -0.43
N HIS C 84 -16.35 -3.79 0.28
CA HIS C 84 -16.49 -3.65 1.73
C HIS C 84 -17.64 -2.70 2.04
N GLN C 85 -17.72 -1.61 1.28
CA GLN C 85 -18.82 -0.68 1.45
C GLN C 85 -20.14 -1.38 1.13
N LEU C 86 -20.13 -2.22 0.10
CA LEU C 86 -21.35 -2.90 -0.34
C LEU C 86 -21.79 -3.90 0.73
N VAL C 87 -20.82 -4.49 1.42
CA VAL C 87 -21.12 -5.46 2.46
C VAL C 87 -21.88 -4.76 3.58
N GLN C 88 -21.47 -3.55 3.91
CA GLN C 88 -22.13 -2.78 4.96
C GLN C 88 -23.54 -2.37 4.57
N VAL C 89 -23.71 -1.99 3.32
CA VAL C 89 -25.02 -1.60 2.82
C VAL C 89 -25.95 -2.81 2.84
N ILE C 90 -25.45 -3.93 2.36
CA ILE C 90 -26.24 -5.15 2.28
C ILE C 90 -26.66 -5.61 3.66
N CYS C 91 -25.75 -5.56 4.61
CA CYS C 91 -26.05 -6.05 5.95
C CYS C 91 -26.93 -5.07 6.68
N LYS C 92 -26.79 -3.79 6.34
CA LYS C 92 -27.62 -2.77 6.95
C LYS C 92 -29.05 -2.91 6.47
N ILE C 93 -29.22 -3.09 5.16
CA ILE C 93 -30.54 -3.21 4.60
C ILE C 93 -31.15 -4.54 5.03
N GLY C 94 -30.31 -5.58 5.06
CA GLY C 94 -30.76 -6.89 5.49
C GLY C 94 -31.27 -6.85 6.92
N LYS C 95 -30.58 -6.09 7.75
CA LYS C 95 -30.90 -6.00 9.17
C LYS C 95 -32.19 -5.20 9.42
N ASP C 96 -32.30 -4.00 8.83
CA ASP C 96 -33.52 -3.22 8.98
C ASP C 96 -34.76 -4.00 8.53
N ASN C 97 -34.58 -4.93 7.61
CA ASN C 97 -35.72 -5.53 6.92
C ASN C 97 -35.92 -7.01 7.19
N ASN C 98 -35.09 -7.58 8.06
CA ASN C 98 -35.32 -8.95 8.52
C ASN C 98 -35.08 -9.94 7.38
N LEU C 99 -34.03 -9.71 6.61
CA LEU C 99 -33.72 -10.54 5.45
C LEU C 99 -32.32 -11.11 5.47
N LEU C 100 -31.66 -11.09 6.64
CA LEU C 100 -30.28 -11.57 6.73
C LEU C 100 -30.16 -13.03 6.35
N ASP C 101 -31.19 -13.81 6.67
CA ASP C 101 -31.24 -15.23 6.32
C ASP C 101 -31.20 -15.46 4.78
N THR C 102 -32.06 -14.75 4.06
CA THR C 102 -32.12 -14.80 2.60
C THR C 102 -30.80 -14.36 2.00
N ILE C 103 -30.25 -13.27 2.53
CA ILE C 103 -29.02 -12.70 1.98
C ILE C 103 -27.84 -13.65 2.21
N HIS C 104 -27.76 -14.23 3.40
CA HIS C 104 -26.72 -15.20 3.71
C HIS C 104 -26.82 -16.44 2.80
N ALA C 105 -28.01 -17.02 2.70
CA ALA C 105 -28.21 -18.17 1.82
C ALA C 105 -27.72 -17.89 0.40
N GLU C 106 -28.06 -16.73 -0.14
CA GLU C 106 -27.69 -16.39 -1.51
C GLU C 106 -26.19 -16.23 -1.63
N PHE C 107 -25.59 -15.57 -0.65
CA PHE C 107 -24.13 -15.47 -0.59
C PHE C 107 -23.51 -16.86 -0.66
N GLN C 108 -23.91 -17.75 0.25
CA GLN C 108 -23.37 -19.11 0.27
C GLN C 108 -23.66 -19.86 -1.05
N ALA C 109 -24.85 -19.65 -1.60
CA ALA C 109 -25.23 -20.29 -2.85
C ALA C 109 -24.34 -19.86 -4.03
N SER C 110 -24.04 -18.56 -4.14
CA SER C 110 -23.13 -18.07 -5.17
C SER C 110 -21.76 -18.74 -5.08
N LEU C 111 -21.20 -18.78 -3.88
CA LEU C 111 -19.92 -19.42 -3.65
C LEU C 111 -19.94 -20.88 -4.13
N ALA C 112 -21.00 -21.61 -3.79
CA ALA C 112 -21.11 -23.02 -4.19
C ALA C 112 -21.11 -23.20 -5.70
N ASP C 113 -21.70 -22.26 -6.43
CA ASP C 113 -21.63 -22.28 -7.89
C ASP C 113 -20.20 -21.99 -8.32
N GLY C 114 -19.35 -21.66 -7.34
CA GLY C 114 -17.96 -21.31 -7.58
C GLY C 114 -17.72 -19.85 -7.93
N ASP C 115 -18.63 -18.95 -7.54
CA ASP C 115 -18.45 -17.53 -7.81
C ASP C 115 -17.45 -16.92 -6.83
N SER C 116 -16.70 -15.92 -7.31
CA SER C 116 -15.80 -15.18 -6.44
C SER C 116 -16.65 -14.48 -5.39
N PRO C 117 -16.07 -14.22 -4.21
CA PRO C 117 -16.85 -13.49 -3.21
C PRO C 117 -17.33 -12.13 -3.76
N GLN C 118 -16.49 -11.47 -4.57
CA GLN C 118 -16.90 -10.20 -5.18
C GLN C 118 -18.14 -10.41 -6.06
N CYS C 119 -18.12 -11.41 -6.93
CA CYS C 119 -19.31 -11.78 -7.68
C CYS C 119 -20.54 -12.04 -6.80
N ALA C 120 -20.39 -12.84 -5.75
CA ALA C 120 -21.50 -13.22 -4.87
C ALA C 120 -22.24 -11.99 -4.32
N LEU C 121 -21.49 -10.96 -3.97
CA LEU C 121 -22.09 -9.73 -3.43
C LEU C 121 -22.94 -9.05 -4.49
N ILE C 122 -22.43 -9.02 -5.72
CA ILE C 122 -23.16 -8.46 -6.84
C ILE C 122 -24.45 -9.23 -7.12
N GLN C 123 -24.38 -10.56 -7.01
CA GLN C 123 -25.54 -11.42 -7.26
C GLN C 123 -26.61 -11.15 -6.24
N ILE C 124 -26.21 -10.89 -5.00
CA ILE C 124 -27.18 -10.55 -3.97
C ILE C 124 -27.97 -9.30 -4.39
N THR C 125 -27.27 -8.26 -4.84
CA THR C 125 -27.92 -7.02 -5.21
C THR C 125 -28.86 -7.24 -6.38
N LYS C 126 -28.51 -8.17 -7.28
CA LYS C 126 -29.36 -8.49 -8.45
C LYS C 126 -30.48 -9.51 -8.16
N ARG C 127 -30.30 -10.37 -7.15
CA ARG C 127 -31.20 -11.52 -6.99
C ARG C 127 -32.15 -11.41 -5.81
N VAL C 128 -31.73 -10.77 -4.73
CA VAL C 128 -32.61 -10.52 -3.59
C VAL C 128 -33.39 -9.23 -3.86
N PRO C 129 -34.72 -9.35 -3.99
CA PRO C 129 -35.49 -8.25 -4.60
C PRO C 129 -35.41 -6.93 -3.84
N ILE C 130 -35.24 -6.94 -2.53
CA ILE C 130 -35.16 -5.70 -1.75
C ILE C 130 -34.21 -4.67 -2.38
N PHE C 131 -33.12 -5.11 -3.01
CA PHE C 131 -32.11 -4.17 -3.54
C PHE C 131 -32.51 -3.53 -4.84
N GLN C 132 -33.63 -3.96 -5.39
CA GLN C 132 -34.23 -3.29 -6.53
C GLN C 132 -35.15 -2.17 -6.04
N ASP C 133 -35.65 -2.26 -4.81
CA ASP C 133 -36.73 -1.39 -4.35
C ASP C 133 -36.38 -0.34 -3.32
N VAL C 134 -35.09 -0.17 -3.02
CA VAL C 134 -34.70 0.84 -2.05
C VAL C 134 -33.55 1.66 -2.60
N PRO C 135 -33.52 2.96 -2.28
CA PRO C 135 -32.45 3.83 -2.75
C PRO C 135 -31.11 3.51 -2.07
N PRO C 136 -29.99 3.80 -2.75
CA PRO C 136 -28.71 3.65 -2.08
C PRO C 136 -28.68 4.53 -0.83
N PRO C 137 -28.17 3.99 0.28
CA PRO C 137 -28.09 4.79 1.52
C PRO C 137 -27.33 6.08 1.30
N ILE C 138 -27.79 7.14 1.94
CA ILE C 138 -27.03 8.38 2.01
C ILE C 138 -26.13 8.35 3.25
N ILE C 139 -24.83 8.41 3.01
CA ILE C 139 -23.84 8.44 4.07
C ILE C 139 -23.28 9.86 4.16
N HIS C 140 -23.32 10.46 5.34
CA HIS C 140 -22.87 11.85 5.51
C HIS C 140 -21.41 11.92 5.91
N ILE C 141 -20.63 12.69 5.17
CA ILE C 141 -19.20 12.82 5.45
C ILE C 141 -18.70 14.27 5.44
N ARG C 142 -17.61 14.49 6.17
CA ARG C 142 -16.95 15.79 6.22
C ARG C 142 -16.35 16.13 4.86
N SER C 143 -15.22 15.52 4.53
CA SER C 143 -14.55 15.74 3.26
C SER C 143 -14.51 14.46 2.40
N ARG C 144 -14.16 14.62 1.13
CA ARG C 144 -13.97 13.49 0.23
C ARG C 144 -12.87 12.61 0.78
N GLY C 145 -11.87 13.23 1.38
CA GLY C 145 -10.75 12.51 1.98
C GLY C 145 -11.18 11.60 3.13
N ASP C 146 -12.45 11.65 3.50
CA ASP C 146 -12.98 10.73 4.51
C ASP C 146 -13.30 9.36 3.91
N ILE C 147 -13.25 9.27 2.59
CA ILE C 147 -13.62 8.04 1.89
C ILE C 147 -12.37 7.22 1.64
N PRO C 148 -12.40 5.92 1.99
CA PRO C 148 -11.19 5.10 1.90
C PRO C 148 -10.50 5.18 0.55
N ARG C 149 -9.20 4.93 0.53
CA ARG C 149 -8.40 5.08 -0.66
C ARG C 149 -8.97 4.25 -1.80
N ALA C 150 -9.35 3.01 -1.51
CA ALA C 150 -9.70 2.06 -2.55
C ALA C 150 -10.99 2.43 -3.29
N CYS C 151 -11.82 3.26 -2.65
CA CYS C 151 -13.07 3.68 -3.26
C CYS C 151 -12.95 4.99 -4.06
N GLN C 152 -11.84 5.71 -3.90
CA GLN C 152 -11.70 7.05 -4.48
C GLN C 152 -11.91 7.09 -6.00
N LYS C 153 -11.28 6.16 -6.72
CA LYS C 153 -11.40 6.12 -8.18
C LYS C 153 -12.76 5.61 -8.64
N SER C 154 -13.57 5.14 -7.70
CA SER C 154 -14.89 4.64 -8.02
C SER C 154 -16.01 5.66 -7.75
N LEU C 155 -15.65 6.86 -7.31
CA LEU C 155 -16.63 7.90 -7.02
C LEU C 155 -17.06 8.64 -8.28
N ARG C 156 -18.33 8.99 -8.36
CA ARG C 156 -18.87 9.73 -9.50
C ARG C 156 -20.26 10.28 -9.20
N PRO C 157 -20.67 11.34 -9.89
CA PRO C 157 -21.98 11.96 -9.65
C PRO C 157 -23.12 11.03 -10.03
N ALA C 158 -24.10 10.86 -9.15
CA ALA C 158 -25.18 9.93 -9.40
C ALA C 158 -26.22 10.56 -10.31
N PRO C 159 -26.86 9.74 -11.16
CA PRO C 159 -28.07 10.25 -11.79
C PRO C 159 -29.16 10.36 -10.73
N PRO C 160 -30.32 10.90 -11.11
CA PRO C 160 -31.49 11.14 -10.25
C PRO C 160 -31.94 9.98 -9.35
N SER C 161 -32.19 8.79 -9.90
CA SER C 161 -32.58 7.65 -9.07
C SER C 161 -31.61 6.51 -9.22
N PRO C 162 -30.43 6.64 -8.61
CA PRO C 162 -29.39 5.62 -8.73
C PRO C 162 -29.92 4.29 -8.16
N LYS C 163 -29.74 3.18 -8.87
CA LYS C 163 -30.24 1.88 -8.39
C LYS C 163 -29.09 1.06 -7.77
N ILE C 164 -29.33 0.48 -6.60
CA ILE C 164 -28.33 -0.39 -5.97
C ILE C 164 -28.00 -1.59 -6.87
N ASP C 165 -28.99 -2.09 -7.59
CA ASP C 165 -28.76 -3.26 -8.44
C ASP C 165 -28.14 -2.87 -9.80
N ARG C 166 -27.81 -1.59 -9.94
CA ARG C 166 -27.10 -1.08 -11.10
C ARG C 166 -25.69 -0.67 -10.67
N GLY C 167 -25.30 -1.07 -9.46
CA GLY C 167 -23.95 -0.86 -8.99
C GLY C 167 -23.74 0.37 -8.12
N TRP C 168 -24.82 1.10 -7.82
CA TRP C 168 -24.72 2.31 -7.00
C TRP C 168 -24.76 1.92 -5.54
N VAL C 169 -23.58 1.73 -4.93
CA VAL C 169 -23.49 1.21 -3.56
C VAL C 169 -24.06 2.16 -2.52
N CYS C 170 -23.79 3.45 -2.67
CA CYS C 170 -24.24 4.44 -1.69
C CYS C 170 -23.91 5.82 -2.20
N LEU C 171 -24.44 6.82 -1.49
CA LEU C 171 -24.26 8.20 -1.87
C LEU C 171 -23.58 8.94 -0.74
N PHE C 172 -22.41 9.50 -1.00
CA PHE C 172 -21.72 10.31 -0.01
C PHE C 172 -22.10 11.77 -0.13
N LYS C 173 -22.71 12.30 0.92
CA LYS C 173 -23.05 13.72 0.99
C LYS C 173 -22.04 14.45 1.85
N MET C 174 -21.29 15.38 1.27
CA MET C 174 -20.29 16.13 2.04
C MET C 174 -20.91 17.30 2.80
N GLN C 175 -20.11 17.97 3.63
CA GLN C 175 -20.58 19.16 4.35
C GLN C 175 -20.86 20.31 3.39
N ASP C 176 -20.30 20.26 2.18
CA ASP C 176 -20.56 21.28 1.17
C ASP C 176 -21.87 21.06 0.39
N GLY C 177 -22.58 19.97 0.70
CA GLY C 177 -23.82 19.64 0.01
C GLY C 177 -23.59 18.84 -1.26
N LYS C 178 -22.35 18.83 -1.75
CA LYS C 178 -21.98 18.02 -2.91
C LYS C 178 -22.16 16.54 -2.61
N THR C 179 -22.60 15.79 -3.60
CA THR C 179 -22.84 14.37 -3.44
C THR C 179 -22.15 13.58 -4.54
N LEU C 180 -21.38 12.57 -4.13
CA LEU C 180 -20.79 11.60 -5.06
C LEU C 180 -21.31 10.21 -4.75
N GLY C 181 -21.75 9.49 -5.79
CA GLY C 181 -22.08 8.09 -5.65
C GLY C 181 -20.84 7.19 -5.67
N LEU C 182 -20.89 6.09 -4.93
CA LEU C 182 -19.89 5.02 -5.06
C LEU C 182 -20.47 4.02 -6.06
N LYS C 183 -19.78 3.82 -7.19
CA LYS C 183 -20.32 3.00 -8.28
C LYS C 183 -19.40 1.84 -8.61
N ILE C 184 -19.96 0.64 -8.55
CA ILE C 184 -19.29 -0.59 -8.95
C ILE C 184 -19.67 -0.97 -10.40
N PRO D 61 -41.98 2.61 -32.30
CA PRO D 61 -40.66 3.15 -31.92
C PRO D 61 -39.52 2.16 -32.21
N TYR D 62 -39.85 0.91 -32.54
CA TYR D 62 -38.86 -0.17 -32.68
C TYR D 62 -37.62 0.21 -33.47
N ILE D 63 -36.47 -0.28 -33.01
CA ILE D 63 -35.21 0.06 -33.65
C ILE D 63 -34.68 -1.10 -34.49
N SER D 64 -33.81 -0.77 -35.43
CA SER D 64 -33.26 -1.73 -36.38
C SER D 64 -31.92 -2.24 -35.89
N ALA D 65 -31.64 -3.52 -36.14
CA ALA D 65 -30.30 -4.02 -35.98
C ALA D 65 -29.38 -3.03 -36.67
N LYS D 66 -29.82 -2.57 -37.84
CA LYS D 66 -29.07 -1.61 -38.63
C LYS D 66 -28.59 -0.40 -37.84
N ASP D 67 -29.52 0.34 -37.23
CA ASP D 67 -29.20 1.63 -36.61
C ASP D 67 -28.67 1.54 -35.18
N LEU D 68 -28.97 0.44 -34.50
CA LEU D 68 -28.39 0.20 -33.18
C LEU D 68 -26.89 0.09 -33.35
N LYS D 69 -26.49 -0.83 -34.24
CA LYS D 69 -25.08 -0.99 -34.59
C LYS D 69 -24.53 0.38 -34.94
N GLU D 70 -25.28 1.12 -35.76
CA GLU D 70 -24.91 2.49 -36.13
C GLU D 70 -24.61 3.36 -34.90
N ILE D 71 -25.54 3.34 -33.94
CA ILE D 71 -25.44 4.18 -32.74
C ILE D 71 -24.25 3.81 -31.92
N MET D 72 -24.22 2.54 -31.50
CA MET D 72 -23.13 2.00 -30.67
C MET D 72 -21.78 2.25 -31.34
N TYR D 73 -21.73 2.04 -32.65
CA TYR D 73 -20.52 2.26 -33.40
C TYR D 73 -20.08 3.74 -33.36
N ASP D 74 -21.05 4.65 -33.47
CA ASP D 74 -20.76 6.08 -33.36
C ASP D 74 -20.00 6.39 -32.06
N HIS D 75 -20.25 5.61 -31.02
CA HIS D 75 -19.76 5.92 -29.67
C HIS D 75 -18.36 5.42 -29.35
N LEU D 76 -17.81 4.52 -30.16
CA LEU D 76 -16.49 3.97 -29.86
C LEU D 76 -15.43 4.53 -30.80
N PRO D 77 -14.22 4.73 -30.26
CA PRO D 77 -13.01 5.06 -31.03
C PRO D 77 -12.51 3.84 -31.78
N GLY D 78 -11.33 3.93 -32.38
CA GLY D 78 -10.73 2.81 -33.11
C GLY D 78 -11.60 2.20 -34.20
N PHE D 79 -11.06 1.17 -34.85
CA PHE D 79 -11.79 0.34 -35.79
C PHE D 79 -11.51 -1.12 -35.45
N GLY D 80 -12.52 -1.97 -35.56
CA GLY D 80 -12.35 -3.40 -35.30
C GLY D 80 -11.68 -3.72 -33.98
N THR D 81 -12.16 -3.11 -32.90
CA THR D 81 -11.68 -3.41 -31.55
C THR D 81 -12.57 -4.47 -30.91
N ALA D 82 -12.15 -5.01 -29.78
CA ALA D 82 -12.92 -6.06 -29.14
C ALA D 82 -14.35 -5.58 -28.94
N PHE D 83 -14.53 -4.29 -28.70
CA PHE D 83 -15.87 -3.72 -28.48
C PHE D 83 -16.68 -3.56 -29.77
N HIS D 84 -16.04 -3.27 -30.89
CA HIS D 84 -16.80 -3.27 -32.15
C HIS D 84 -17.36 -4.66 -32.41
N GLN D 85 -16.54 -5.68 -32.15
CA GLN D 85 -16.97 -7.05 -32.28
C GLN D 85 -18.14 -7.32 -31.34
N LEU D 86 -18.04 -6.86 -30.11
CA LEU D 86 -19.09 -7.08 -29.11
C LEU D 86 -20.40 -6.42 -29.53
N VAL D 87 -20.31 -5.26 -30.17
CA VAL D 87 -21.50 -4.61 -30.74
C VAL D 87 -22.19 -5.55 -31.72
N GLN D 88 -21.39 -6.16 -32.60
CA GLN D 88 -21.91 -7.07 -33.63
C GLN D 88 -22.63 -8.25 -33.00
N VAL D 89 -22.00 -8.81 -31.98
CA VAL D 89 -22.56 -9.97 -31.31
C VAL D 89 -23.84 -9.60 -30.58
N ILE D 90 -23.87 -8.43 -29.96
CA ILE D 90 -25.04 -8.01 -29.21
C ILE D 90 -26.21 -7.78 -30.16
N CYS D 91 -25.96 -7.05 -31.25
CA CYS D 91 -27.04 -6.80 -32.21
C CYS D 91 -27.57 -8.09 -32.83
N LYS D 92 -26.70 -9.04 -33.16
CA LYS D 92 -27.19 -10.27 -33.78
C LYS D 92 -28.09 -11.00 -32.80
N ILE D 93 -27.57 -11.32 -31.63
CA ILE D 93 -28.39 -11.98 -30.61
C ILE D 93 -29.62 -11.11 -30.33
N GLY D 94 -29.48 -9.80 -30.54
CA GLY D 94 -30.57 -8.87 -30.32
C GLY D 94 -31.73 -9.17 -31.26
N LYS D 95 -31.44 -9.07 -32.56
CA LYS D 95 -32.41 -9.39 -33.59
C LYS D 95 -33.10 -10.71 -33.31
N ASP D 96 -32.30 -11.78 -33.28
CA ASP D 96 -32.83 -13.14 -33.28
C ASP D 96 -33.71 -13.45 -32.08
N ASN D 97 -33.73 -12.55 -31.10
CA ASN D 97 -34.49 -12.80 -29.87
C ASN D 97 -35.47 -11.68 -29.52
N ASN D 98 -35.51 -10.66 -30.37
CA ASN D 98 -36.54 -9.64 -30.29
C ASN D 98 -36.31 -8.79 -29.06
N LEU D 99 -35.09 -8.27 -28.94
CA LEU D 99 -34.67 -7.57 -27.75
C LEU D 99 -33.87 -6.35 -28.10
N LEU D 100 -33.83 -6.01 -29.39
CA LEU D 100 -33.05 -4.84 -29.81
C LEU D 100 -33.47 -3.60 -29.01
N ASP D 101 -34.70 -3.58 -28.51
CA ASP D 101 -35.18 -2.43 -27.76
C ASP D 101 -34.75 -2.47 -26.30
N THR D 102 -35.06 -3.58 -25.62
CA THR D 102 -34.50 -3.81 -24.30
C THR D 102 -33.03 -3.39 -24.28
N ILE D 103 -32.31 -3.77 -25.33
CA ILE D 103 -30.85 -3.56 -25.39
C ILE D 103 -30.46 -2.10 -25.59
N HIS D 104 -31.22 -1.37 -26.40
CA HIS D 104 -30.96 0.04 -26.61
C HIS D 104 -31.19 0.78 -25.31
N ALA D 105 -32.23 0.40 -24.60
CA ALA D 105 -32.60 1.08 -23.37
C ALA D 105 -31.50 0.93 -22.32
N GLU D 106 -30.97 -0.29 -22.17
CA GLU D 106 -29.85 -0.51 -21.25
C GLU D 106 -28.60 0.26 -21.67
N PHE D 107 -28.36 0.35 -22.98
CA PHE D 107 -27.22 1.12 -23.45
C PHE D 107 -27.35 2.58 -22.98
N GLN D 108 -28.53 3.16 -23.15
CA GLN D 108 -28.79 4.55 -22.77
C GLN D 108 -28.69 4.75 -21.26
N ALA D 109 -29.30 3.85 -20.51
CA ALA D 109 -29.33 3.94 -19.06
C ALA D 109 -27.93 3.89 -18.47
N SER D 110 -27.03 3.15 -19.12
CA SER D 110 -25.67 3.01 -18.61
C SER D 110 -24.85 4.26 -18.91
N LEU D 111 -25.13 4.89 -20.03
CA LEU D 111 -24.50 6.18 -20.33
C LEU D 111 -24.98 7.21 -19.32
N ALA D 112 -26.26 7.16 -18.96
CA ALA D 112 -26.79 8.04 -17.91
C ALA D 112 -26.12 7.82 -16.55
N ASP D 113 -25.74 6.58 -16.24
CA ASP D 113 -25.05 6.29 -14.98
C ASP D 113 -23.64 6.87 -15.05
N GLY D 114 -23.21 7.21 -16.25
CA GLY D 114 -21.87 7.75 -16.45
C GLY D 114 -20.89 6.74 -17.02
N ASP D 115 -21.38 5.59 -17.46
CA ASP D 115 -20.51 4.55 -18.00
C ASP D 115 -19.91 4.97 -19.35
N SER D 116 -18.61 4.70 -19.52
CA SER D 116 -17.99 4.79 -20.84
C SER D 116 -18.72 3.82 -21.76
N PRO D 117 -18.82 4.13 -23.07
CA PRO D 117 -19.61 3.29 -23.99
C PRO D 117 -19.11 1.84 -24.03
N GLN D 118 -17.81 1.65 -23.87
CA GLN D 118 -17.26 0.31 -23.68
C GLN D 118 -17.94 -0.39 -22.50
N CYS D 119 -17.94 0.28 -21.35
CA CYS D 119 -18.56 -0.26 -20.15
C CYS D 119 -20.05 -0.51 -20.38
N ALA D 120 -20.71 0.34 -21.17
CA ALA D 120 -22.14 0.20 -21.41
C ALA D 120 -22.44 -1.10 -22.14
N LEU D 121 -21.62 -1.39 -23.15
CA LEU D 121 -21.71 -2.65 -23.89
C LEU D 121 -21.60 -3.81 -22.93
N ILE D 122 -20.63 -3.71 -22.02
CA ILE D 122 -20.43 -4.73 -21.00
C ILE D 122 -21.68 -4.88 -20.08
N GLN D 123 -22.31 -3.77 -19.73
CA GLN D 123 -23.47 -3.80 -18.86
C GLN D 123 -24.60 -4.55 -19.51
N ILE D 124 -24.78 -4.33 -20.81
CA ILE D 124 -25.77 -5.10 -21.55
C ILE D 124 -25.57 -6.61 -21.37
N THR D 125 -24.32 -7.08 -21.49
CA THR D 125 -24.08 -8.52 -21.43
C THR D 125 -24.41 -9.03 -20.05
N LYS D 126 -24.18 -8.20 -19.05
CA LYS D 126 -24.38 -8.60 -17.65
C LYS D 126 -25.79 -8.37 -17.14
N ARG D 127 -26.56 -7.51 -17.81
CA ARG D 127 -27.89 -7.11 -17.31
C ARG D 127 -29.05 -7.61 -18.16
N VAL D 128 -28.86 -7.72 -19.47
CA VAL D 128 -29.90 -8.30 -20.32
C VAL D 128 -29.76 -9.79 -20.35
N PRO D 129 -30.72 -10.51 -19.77
CA PRO D 129 -30.60 -11.93 -19.37
C PRO D 129 -30.31 -12.89 -20.52
N ILE D 130 -30.68 -12.52 -21.74
CA ILE D 130 -30.45 -13.35 -22.91
C ILE D 130 -28.97 -13.78 -22.97
N PHE D 131 -28.08 -12.89 -22.57
CA PHE D 131 -26.65 -13.10 -22.77
C PHE D 131 -26.03 -14.05 -21.77
N GLN D 132 -26.79 -14.42 -20.75
CA GLN D 132 -26.34 -15.43 -19.82
C GLN D 132 -26.80 -16.81 -20.30
N ASP D 133 -27.47 -16.84 -21.45
CA ASP D 133 -28.17 -18.04 -21.92
C ASP D 133 -27.83 -18.46 -23.35
N VAL D 134 -27.13 -17.59 -24.09
CA VAL D 134 -26.74 -17.90 -25.46
C VAL D 134 -25.21 -17.89 -25.47
N PRO D 135 -24.58 -18.94 -26.01
CA PRO D 135 -23.12 -18.98 -25.88
C PRO D 135 -22.49 -18.03 -26.88
N PRO D 136 -21.20 -17.68 -26.69
CA PRO D 136 -20.56 -16.78 -27.64
C PRO D 136 -20.62 -17.41 -29.03
N PRO D 137 -20.98 -16.63 -30.03
CA PRO D 137 -21.14 -17.26 -31.32
C PRO D 137 -19.82 -17.75 -31.91
N ILE D 138 -19.88 -18.88 -32.62
CA ILE D 138 -18.73 -19.39 -33.37
C ILE D 138 -18.65 -18.61 -34.68
N ILE D 139 -17.44 -18.23 -35.05
CA ILE D 139 -17.22 -17.51 -36.27
C ILE D 139 -16.09 -18.21 -37.00
N HIS D 140 -16.43 -18.91 -38.09
CA HIS D 140 -15.44 -19.67 -38.86
C HIS D 140 -14.55 -18.77 -39.71
N ILE D 141 -13.24 -18.87 -39.47
CA ILE D 141 -12.26 -18.11 -40.24
C ILE D 141 -11.17 -19.05 -40.72
N ARG D 142 -10.33 -18.56 -41.61
CA ARG D 142 -9.21 -19.35 -42.13
C ARG D 142 -8.06 -19.43 -41.12
N SER D 143 -7.47 -18.28 -40.86
CA SER D 143 -6.36 -18.21 -39.93
C SER D 143 -6.42 -16.95 -39.09
N ARG D 144 -5.60 -16.94 -38.05
CA ARG D 144 -5.64 -15.91 -37.02
C ARG D 144 -5.38 -14.49 -37.55
N GLY D 145 -4.68 -14.40 -38.69
CA GLY D 145 -4.49 -13.13 -39.36
C GLY D 145 -5.80 -12.46 -39.77
N ASP D 146 -6.82 -13.27 -40.06
CA ASP D 146 -8.15 -12.78 -40.43
C ASP D 146 -8.82 -11.93 -39.33
N ILE D 147 -8.38 -12.10 -38.08
CA ILE D 147 -8.88 -11.31 -36.96
C ILE D 147 -8.20 -9.96 -36.96
N PRO D 148 -8.97 -8.87 -36.75
CA PRO D 148 -8.45 -7.49 -36.76
C PRO D 148 -7.33 -7.25 -35.74
N ARG D 149 -6.43 -6.32 -36.06
CA ARG D 149 -5.24 -6.08 -35.25
C ARG D 149 -5.60 -5.78 -33.79
N ALA D 150 -6.56 -4.87 -33.61
CA ALA D 150 -7.00 -4.43 -32.29
C ALA D 150 -7.46 -5.57 -31.38
N CYS D 151 -7.97 -6.65 -31.99
CA CYS D 151 -8.46 -7.80 -31.24
C CYS D 151 -7.35 -8.78 -30.89
N GLN D 152 -6.23 -8.68 -31.57
CA GLN D 152 -5.17 -9.68 -31.46
C GLN D 152 -4.73 -9.90 -30.02
N LYS D 153 -4.70 -8.82 -29.25
CA LYS D 153 -4.16 -8.85 -27.89
C LYS D 153 -5.14 -9.53 -26.94
N SER D 154 -6.37 -9.74 -27.41
CA SER D 154 -7.42 -10.22 -26.53
C SER D 154 -7.82 -11.65 -26.80
N LEU D 155 -7.03 -12.38 -27.60
CA LEU D 155 -7.36 -13.77 -27.89
C LEU D 155 -6.77 -14.71 -26.83
N ARG D 156 -7.57 -15.68 -26.42
CA ARG D 156 -7.24 -16.58 -25.34
C ARG D 156 -7.87 -17.91 -25.65
N PRO D 157 -7.24 -19.02 -25.24
CA PRO D 157 -7.91 -20.32 -25.42
C PRO D 157 -9.18 -20.33 -24.61
N ALA D 158 -10.29 -20.84 -25.15
CA ALA D 158 -11.53 -20.80 -24.41
C ALA D 158 -11.69 -22.03 -23.51
N PRO D 159 -12.15 -21.82 -22.28
CA PRO D 159 -12.46 -22.90 -21.36
C PRO D 159 -13.87 -23.44 -21.62
N PRO D 160 -14.22 -24.53 -20.95
CA PRO D 160 -15.55 -25.13 -21.13
C PRO D 160 -16.67 -24.11 -20.84
N SER D 161 -17.69 -24.11 -21.68
CA SER D 161 -18.87 -23.27 -21.48
C SER D 161 -18.52 -21.82 -21.24
N PRO D 162 -17.78 -21.19 -22.18
CA PRO D 162 -17.43 -19.78 -22.03
C PRO D 162 -18.67 -18.90 -22.11
N LYS D 163 -18.83 -17.95 -21.18
CA LYS D 163 -20.05 -17.14 -21.10
C LYS D 163 -19.82 -15.70 -21.58
N ILE D 164 -20.80 -15.17 -22.32
CA ILE D 164 -20.69 -13.83 -22.86
C ILE D 164 -20.64 -12.80 -21.73
N ASP D 165 -21.45 -13.00 -20.70
CA ASP D 165 -21.52 -12.04 -19.62
C ASP D 165 -20.26 -12.12 -18.74
N ARG D 166 -19.35 -13.02 -19.06
CA ARG D 166 -18.06 -13.08 -18.35
C ARG D 166 -16.93 -12.53 -19.20
N GLY D 167 -17.26 -11.99 -20.37
CA GLY D 167 -16.28 -11.33 -21.23
C GLY D 167 -15.97 -12.05 -22.53
N TRP D 168 -16.52 -13.25 -22.73
CA TRP D 168 -16.26 -14.00 -23.95
C TRP D 168 -17.21 -13.55 -25.07
N VAL D 169 -16.66 -12.79 -26.01
CA VAL D 169 -17.43 -12.11 -27.05
C VAL D 169 -17.84 -13.07 -28.16
N CYS D 170 -16.87 -13.83 -28.67
CA CYS D 170 -17.11 -14.80 -29.72
C CYS D 170 -15.98 -15.81 -29.76
N LEU D 171 -16.14 -16.83 -30.58
CA LEU D 171 -15.14 -17.87 -30.71
C LEU D 171 -14.70 -17.99 -32.16
N PHE D 172 -13.44 -17.68 -32.42
CA PHE D 172 -12.88 -17.78 -33.76
C PHE D 172 -12.35 -19.18 -34.02
N LYS D 173 -13.00 -19.88 -34.95
CA LYS D 173 -12.60 -21.25 -35.32
C LYS D 173 -11.85 -21.24 -36.64
N MET D 174 -10.60 -21.62 -36.60
CA MET D 174 -9.73 -21.54 -37.78
C MET D 174 -9.65 -22.91 -38.46
N GLN D 175 -9.07 -22.96 -39.65
CA GLN D 175 -9.10 -24.20 -40.42
C GLN D 175 -8.08 -25.23 -39.95
N ASP D 176 -7.19 -24.84 -39.05
CA ASP D 176 -6.30 -25.81 -38.39
C ASP D 176 -6.91 -26.45 -37.12
N GLY D 177 -8.19 -26.18 -36.85
CA GLY D 177 -8.86 -26.79 -35.72
C GLY D 177 -8.84 -25.95 -34.46
N LYS D 178 -7.83 -25.07 -34.36
CA LYS D 178 -7.67 -24.19 -33.20
C LYS D 178 -8.80 -23.17 -33.08
N THR D 179 -9.36 -23.10 -31.87
CA THR D 179 -10.35 -22.09 -31.52
C THR D 179 -9.73 -21.08 -30.55
N LEU D 180 -9.95 -19.80 -30.82
CA LEU D 180 -9.52 -18.74 -29.91
C LEU D 180 -10.69 -17.83 -29.53
N GLY D 181 -10.94 -17.69 -28.24
CA GLY D 181 -11.98 -16.78 -27.80
C GLY D 181 -11.48 -15.34 -27.78
N LEU D 182 -12.38 -14.41 -28.09
CA LEU D 182 -12.11 -12.97 -27.91
C LEU D 182 -12.54 -12.59 -26.49
N LYS D 183 -11.58 -12.30 -25.63
CA LYS D 183 -11.89 -12.12 -24.22
C LYS D 183 -11.72 -10.67 -23.80
N ILE D 184 -12.76 -10.16 -23.15
CA ILE D 184 -12.77 -8.79 -22.63
C ILE D 184 -12.59 -8.80 -21.11
N ILE E 63 -0.42 4.16 35.19
CA ILE E 63 -0.47 4.01 33.73
C ILE E 63 -0.38 2.51 33.36
N SER E 64 -1.09 2.12 32.29
CA SER E 64 -1.20 0.72 31.91
C SER E 64 -0.46 0.38 30.62
N ALA E 65 -0.09 -0.90 30.50
CA ALA E 65 0.65 -1.38 29.34
C ALA E 65 -0.21 -1.26 28.08
N LYS E 66 -1.45 -1.73 28.18
CA LYS E 66 -2.37 -1.66 27.06
C LYS E 66 -2.54 -0.20 26.63
N ASP E 67 -2.75 0.68 27.60
CA ASP E 67 -3.03 2.08 27.29
C ASP E 67 -1.83 2.75 26.65
N LEU E 68 -0.64 2.49 27.20
CA LEU E 68 0.57 3.17 26.74
C LEU E 68 0.95 2.74 25.32
N LYS E 69 0.75 1.47 25.01
CA LYS E 69 0.99 0.98 23.67
C LYS E 69 0.12 1.75 22.70
N GLU E 70 -1.14 1.94 23.10
CA GLU E 70 -2.10 2.63 22.24
C GLU E 70 -1.71 4.09 22.06
N ILE E 71 -1.14 4.68 23.11
CA ILE E 71 -0.64 6.05 22.99
C ILE E 71 0.44 6.10 21.97
N MET E 72 1.42 5.23 22.14
CA MET E 72 2.60 5.25 21.32
C MET E 72 2.19 5.04 19.86
N TYR E 73 1.31 4.05 19.65
CA TYR E 73 0.80 3.71 18.32
C TYR E 73 0.10 4.88 17.64
N ASP E 74 -0.73 5.60 18.40
CA ASP E 74 -1.47 6.74 17.87
C ASP E 74 -0.53 7.81 17.31
N HIS E 75 0.77 7.64 17.52
CA HIS E 75 1.77 8.62 17.07
C HIS E 75 2.51 8.12 15.86
N LEU E 76 2.49 6.80 15.67
CA LEU E 76 3.29 6.19 14.62
C LEU E 76 2.60 6.19 13.27
N PRO E 77 3.36 6.48 12.22
CA PRO E 77 2.96 6.31 10.82
C PRO E 77 2.92 4.84 10.44
N GLY E 78 2.13 4.48 9.43
CA GLY E 78 2.08 3.13 8.95
C GLY E 78 1.34 2.21 9.91
N PHE E 79 1.36 0.93 9.61
CA PHE E 79 1.03 -0.10 10.58
C PHE E 79 2.01 -1.25 10.30
N GLY E 80 2.33 -2.03 11.33
CA GLY E 80 3.30 -3.10 11.22
C GLY E 80 4.73 -2.72 10.85
N THR E 81 5.19 -1.54 11.26
CA THR E 81 6.59 -1.15 11.05
C THR E 81 7.48 -1.59 12.20
N ALA E 82 8.78 -1.46 12.02
CA ALA E 82 9.75 -1.82 13.05
C ALA E 82 9.49 -1.09 14.37
N PHE E 83 9.01 0.15 14.30
CA PHE E 83 8.71 0.91 15.51
C PHE E 83 7.48 0.38 16.22
N HIS E 84 6.53 -0.16 15.47
CA HIS E 84 5.37 -0.79 16.10
C HIS E 84 5.83 -2.02 16.88
N GLN E 85 6.75 -2.77 16.28
CA GLN E 85 7.33 -3.90 16.97
C GLN E 85 8.07 -3.44 18.22
N LEU E 86 8.78 -2.33 18.10
CA LEU E 86 9.56 -1.80 19.22
C LEU E 86 8.64 -1.36 20.34
N VAL E 87 7.49 -0.82 19.97
CA VAL E 87 6.50 -0.38 20.95
C VAL E 87 6.05 -1.56 21.80
N GLN E 88 5.82 -2.70 21.15
CA GLN E 88 5.40 -3.90 21.86
C GLN E 88 6.49 -4.44 22.80
N VAL E 89 7.73 -4.40 22.34
CA VAL E 89 8.85 -4.87 23.14
C VAL E 89 8.99 -3.98 24.36
N ILE E 90 8.93 -2.68 24.13
CA ILE E 90 9.10 -1.70 25.19
C ILE E 90 8.02 -1.85 26.25
N CYS E 91 6.78 -2.01 25.80
CA CYS E 91 5.68 -2.09 26.73
C CYS E 91 5.67 -3.44 27.43
N LYS E 92 6.16 -4.46 26.73
CA LYS E 92 6.26 -5.78 27.32
C LYS E 92 7.30 -5.78 28.42
N ILE E 93 8.46 -5.21 28.13
CA ILE E 93 9.54 -5.18 29.10
C ILE E 93 9.16 -4.25 30.24
N GLY E 94 8.52 -3.13 29.90
CA GLY E 94 8.08 -2.18 30.90
C GLY E 94 7.09 -2.82 31.86
N LYS E 95 6.22 -3.66 31.31
CA LYS E 95 5.17 -4.30 32.09
C LYS E 95 5.73 -5.40 33.02
N ASP E 96 6.55 -6.29 32.49
CA ASP E 96 7.17 -7.32 33.33
C ASP E 96 7.96 -6.73 34.48
N ASN E 97 8.48 -5.52 34.30
CA ASN E 97 9.46 -4.97 35.23
C ASN E 97 8.99 -3.75 36.01
N ASN E 98 7.74 -3.35 35.82
CA ASN E 98 7.16 -2.32 36.66
C ASN E 98 7.82 -0.97 36.37
N LEU E 99 8.03 -0.67 35.10
CA LEU E 99 8.71 0.57 34.68
C LEU E 99 7.90 1.36 33.67
N LEU E 100 6.61 1.06 33.54
CA LEU E 100 5.78 1.77 32.55
C LEU E 100 5.74 3.28 32.81
N ASP E 101 5.77 3.65 34.08
CA ASP E 101 5.79 5.07 34.48
C ASP E 101 7.05 5.82 33.95
N THR E 102 8.23 5.23 34.17
CA THR E 102 9.50 5.77 33.68
C THR E 102 9.51 5.85 32.16
N ILE E 103 9.02 4.80 31.51
CA ILE E 103 9.03 4.73 30.05
C ILE E 103 8.07 5.77 29.45
N HIS E 104 6.91 5.89 30.06
CA HIS E 104 5.94 6.89 29.61
C HIS E 104 6.49 8.32 29.76
N ALA E 105 7.03 8.63 30.94
CA ALA E 105 7.62 9.95 31.17
C ALA E 105 8.67 10.29 30.12
N GLU E 106 9.55 9.34 29.82
CA GLU E 106 10.62 9.58 28.86
C GLU E 106 10.05 9.78 27.47
N PHE E 107 9.07 8.98 27.10
CA PHE E 107 8.37 9.18 25.83
C PHE E 107 7.83 10.60 25.73
N GLN E 108 7.06 11.03 26.74
CA GLN E 108 6.50 12.38 26.75
C GLN E 108 7.60 13.46 26.76
N ALA E 109 8.66 13.21 27.50
CA ALA E 109 9.79 14.14 27.58
C ALA E 109 10.47 14.32 26.22
N SER E 110 10.70 13.24 25.48
CA SER E 110 11.27 13.34 24.14
C SER E 110 10.42 14.22 23.23
N LEU E 111 9.12 13.96 23.18
CA LEU E 111 8.19 14.74 22.40
C LEU E 111 8.30 16.23 22.74
N ALA E 112 8.37 16.56 24.04
CA ALA E 112 8.43 17.96 24.45
C ALA E 112 9.69 18.64 23.94
N ASP E 113 10.78 17.91 23.85
CA ASP E 113 12.01 18.45 23.25
C ASP E 113 11.78 18.62 21.76
N GLY E 114 10.61 18.17 21.29
CA GLY E 114 10.26 18.23 19.89
C GLY E 114 10.76 17.08 19.04
N ASP E 115 11.01 15.92 19.66
CA ASP E 115 11.48 14.75 18.93
C ASP E 115 10.30 14.08 18.22
N SER E 116 10.58 13.49 17.05
CA SER E 116 9.58 12.70 16.36
C SER E 116 9.22 11.52 17.25
N PRO E 117 8.00 10.99 17.11
CA PRO E 117 7.66 9.81 17.92
C PRO E 117 8.64 8.67 17.63
N GLN E 118 9.10 8.53 16.39
CA GLN E 118 10.09 7.49 16.06
C GLN E 118 11.36 7.70 16.88
N CYS E 119 11.89 8.92 16.87
CA CYS E 119 13.02 9.27 17.74
C CYS E 119 12.77 8.92 19.22
N ALA E 120 11.61 9.31 19.75
CA ALA E 120 11.31 9.14 21.17
C ALA E 120 11.45 7.68 21.60
N LEU E 121 11.01 6.77 20.74
CA LEU E 121 11.09 5.35 21.03
C LEU E 121 12.55 4.92 21.13
N ILE E 122 13.37 5.40 20.21
CA ILE E 122 14.80 5.14 20.23
C ILE E 122 15.47 5.66 21.50
N GLN E 123 15.07 6.85 21.93
CA GLN E 123 15.63 7.48 23.13
C GLN E 123 15.32 6.65 24.35
N ILE E 124 14.11 6.07 24.39
CA ILE E 124 13.75 5.19 25.49
C ILE E 124 14.74 4.02 25.58
N THR E 125 15.03 3.38 24.44
CA THR E 125 15.92 2.23 24.43
C THR E 125 17.32 2.63 24.87
N LYS E 126 17.73 3.87 24.56
CA LYS E 126 19.06 4.38 24.94
C LYS E 126 19.10 4.99 26.36
N ARG E 127 17.98 5.47 26.89
CA ARG E 127 18.01 6.26 28.12
C ARG E 127 17.47 5.55 29.35
N VAL E 128 16.47 4.69 29.18
CA VAL E 128 15.95 3.87 30.27
C VAL E 128 16.85 2.63 30.40
N PRO E 129 17.54 2.50 31.54
CA PRO E 129 18.65 1.53 31.59
C PRO E 129 18.25 0.09 31.36
N ILE E 130 17.02 -0.30 31.69
CA ILE E 130 16.59 -1.69 31.51
C ILE E 130 16.90 -2.22 30.10
N PHE E 131 16.86 -1.37 29.08
CA PHE E 131 17.03 -1.83 27.69
C PHE E 131 18.48 -2.06 27.31
N GLN E 132 19.39 -1.71 28.21
CA GLN E 132 20.79 -2.07 28.07
C GLN E 132 21.04 -3.47 28.67
N ASP E 133 20.19 -3.90 29.60
CA ASP E 133 20.49 -5.08 30.41
C ASP E 133 19.68 -6.32 30.12
N VAL E 134 18.85 -6.31 29.08
CA VAL E 134 18.06 -7.49 28.77
C VAL E 134 18.19 -7.79 27.29
N PRO E 135 18.17 -9.08 26.94
CA PRO E 135 18.24 -9.50 25.53
C PRO E 135 16.98 -9.14 24.76
N PRO E 136 17.10 -8.91 23.45
CA PRO E 136 15.89 -8.75 22.64
C PRO E 136 15.00 -9.99 22.79
N PRO E 137 13.69 -9.78 22.96
CA PRO E 137 12.77 -10.92 23.09
C PRO E 137 12.87 -11.86 21.91
N ILE E 138 12.76 -13.15 22.18
CA ILE E 138 12.62 -14.14 21.12
C ILE E 138 11.13 -14.35 20.83
N ILE E 139 10.74 -14.06 19.60
CA ILE E 139 9.37 -14.24 19.14
C ILE E 139 9.34 -15.43 18.19
N HIS E 140 8.46 -16.41 18.47
CA HIS E 140 8.42 -17.64 17.68
C HIS E 140 7.41 -17.53 16.55
N ILE E 141 7.85 -17.81 15.34
CA ILE E 141 6.98 -17.72 14.18
C ILE E 141 7.07 -18.93 13.24
N ARG E 142 5.98 -19.16 12.51
CA ARG E 142 5.91 -20.21 11.51
C ARG E 142 6.88 -19.93 10.37
N SER E 143 6.50 -19.02 9.49
CA SER E 143 7.33 -18.64 8.34
C SER E 143 7.77 -17.16 8.42
N ARG E 144 8.73 -16.80 7.58
CA ARG E 144 9.16 -15.42 7.47
C ARG E 144 8.00 -14.57 7.04
N GLY E 145 7.14 -15.14 6.19
CA GLY E 145 5.96 -14.46 5.71
C GLY E 145 4.98 -14.10 6.82
N ASP E 146 5.26 -14.53 8.04
CA ASP E 146 4.44 -14.15 9.19
C ASP E 146 4.81 -12.77 9.70
N ILE E 147 5.91 -12.21 9.20
CA ILE E 147 6.41 -10.93 9.66
C ILE E 147 5.85 -9.83 8.78
N PRO E 148 5.31 -8.77 9.39
CA PRO E 148 4.64 -7.74 8.59
C PRO E 148 5.50 -7.21 7.45
N ARG E 149 4.85 -6.68 6.42
CA ARG E 149 5.54 -6.23 5.23
C ARG E 149 6.61 -5.19 5.58
N ALA E 150 6.26 -4.26 6.45
CA ALA E 150 7.11 -3.09 6.67
C ALA E 150 8.42 -3.47 7.38
N CYS E 151 8.44 -4.63 8.05
CA CYS E 151 9.64 -5.07 8.75
C CYS E 151 10.54 -5.95 7.90
N GLN E 152 10.05 -6.42 6.75
CA GLN E 152 10.78 -7.42 5.96
C GLN E 152 12.18 -6.98 5.54
N LYS E 153 12.30 -5.76 5.05
CA LYS E 153 13.61 -5.23 4.60
C LYS E 153 14.54 -4.90 5.78
N SER E 154 14.00 -4.94 6.99
CA SER E 154 14.79 -4.67 8.17
C SER E 154 15.28 -5.95 8.89
N LEU E 155 15.00 -7.12 8.33
CA LEU E 155 15.43 -8.38 8.93
C LEU E 155 16.86 -8.71 8.56
N ARG E 156 17.61 -9.27 9.51
CA ARG E 156 18.99 -9.67 9.28
C ARG E 156 19.50 -10.57 10.42
N PRO E 157 20.52 -11.40 10.13
CA PRO E 157 21.06 -12.32 11.13
C PRO E 157 21.72 -11.59 12.29
N ALA E 158 21.36 -11.94 13.52
CA ALA E 158 21.89 -11.23 14.68
C ALA E 158 23.29 -11.71 15.02
N PRO E 159 24.13 -10.82 15.54
CA PRO E 159 25.35 -11.31 16.15
C PRO E 159 24.98 -12.02 17.44
N PRO E 160 25.96 -12.64 18.10
CA PRO E 160 25.83 -13.40 19.35
C PRO E 160 25.00 -12.73 20.48
N SER E 161 25.34 -11.52 20.90
CA SER E 161 24.55 -10.85 21.94
C SER E 161 23.99 -9.55 21.45
N PRO E 162 22.95 -9.62 20.60
CA PRO E 162 22.34 -8.41 20.03
C PRO E 162 21.81 -7.51 21.14
N LYS E 163 22.11 -6.21 21.11
CA LYS E 163 21.65 -5.29 22.16
C LYS E 163 20.42 -4.51 21.69
N ILE E 164 19.36 -4.46 22.52
CA ILE E 164 18.19 -3.65 22.20
C ILE E 164 18.55 -2.18 22.01
N ASP E 165 19.52 -1.69 22.76
CA ASP E 165 19.90 -0.28 22.65
C ASP E 165 20.86 -0.03 21.47
N ARG E 166 21.10 -1.08 20.69
CA ARG E 166 21.86 -0.99 19.45
C ARG E 166 20.93 -1.21 18.26
N GLY E 167 19.63 -1.20 18.52
CA GLY E 167 18.67 -1.25 17.45
C GLY E 167 18.07 -2.63 17.20
N TRP E 168 18.48 -3.63 17.97
CA TRP E 168 17.98 -4.98 17.80
C TRP E 168 16.65 -5.14 18.53
N VAL E 169 15.54 -4.94 17.80
CA VAL E 169 14.21 -4.91 18.42
C VAL E 169 13.79 -6.26 18.98
N CYS E 170 14.07 -7.33 18.25
CA CYS E 170 13.66 -8.67 18.66
C CYS E 170 14.24 -9.70 17.72
N LEU E 171 14.10 -10.95 18.10
CA LEU E 171 14.63 -12.05 17.33
C LEU E 171 13.50 -12.97 16.93
N PHE E 172 13.29 -13.14 15.63
CA PHE E 172 12.29 -14.07 15.13
C PHE E 172 12.90 -15.45 14.91
N LYS E 173 12.39 -16.44 15.65
CA LYS E 173 12.80 -17.83 15.48
C LYS E 173 11.73 -18.56 14.69
N MET E 174 12.08 -19.06 13.51
CA MET E 174 11.12 -19.80 12.69
C MET E 174 11.02 -21.27 13.10
N GLN E 175 10.09 -22.00 12.50
CA GLN E 175 9.93 -23.42 12.77
C GLN E 175 11.14 -24.22 12.25
N ASP E 176 11.90 -23.62 11.33
CA ASP E 176 13.11 -24.27 10.82
C ASP E 176 14.33 -24.07 11.73
N GLY E 177 14.17 -23.34 12.83
CA GLY E 177 15.27 -23.07 13.74
C GLY E 177 16.09 -21.85 13.34
N LYS E 178 15.91 -21.40 12.09
CA LYS E 178 16.57 -20.18 11.60
C LYS E 178 16.07 -18.96 12.38
N THR E 179 16.98 -18.03 12.65
CA THR E 179 16.64 -16.85 13.41
C THR E 179 17.08 -15.60 12.67
N LEU E 180 16.16 -14.65 12.51
CA LEU E 180 16.47 -13.33 11.99
C LEU E 180 16.15 -12.25 13.02
N GLY E 181 17.09 -11.34 13.25
CA GLY E 181 16.84 -10.17 14.08
C GLY E 181 16.11 -9.08 13.31
N LEU E 182 15.22 -8.36 13.98
CA LEU E 182 14.66 -7.12 13.46
C LEU E 182 15.58 -5.98 13.92
N LYS E 183 16.18 -5.26 12.96
CA LYS E 183 17.17 -4.26 13.29
C LYS E 183 16.77 -2.88 12.78
N ILE E 184 16.71 -1.92 13.71
CA ILE E 184 16.50 -0.51 13.39
C ILE E 184 17.83 0.26 13.32
N PRO F 61 47.47 -0.21 23.30
CA PRO F 61 46.83 -0.55 22.01
C PRO F 61 46.43 0.69 21.21
N TYR F 62 46.53 1.87 21.80
CA TYR F 62 45.99 3.12 21.22
C TYR F 62 46.19 3.22 19.70
N ILE F 63 45.21 3.85 19.04
CA ILE F 63 45.26 4.02 17.59
C ILE F 63 45.49 5.47 17.22
N SER F 64 45.97 5.68 16.00
CA SER F 64 46.32 7.00 15.50
C SER F 64 45.17 7.58 14.69
N ALA F 65 44.99 8.90 14.79
CA ALA F 65 44.12 9.59 13.86
C ALA F 65 44.50 9.11 12.47
N LYS F 66 45.81 9.01 12.26
CA LYS F 66 46.37 8.55 10.99
C LYS F 66 45.73 7.26 10.46
N ASP F 67 45.78 6.19 11.25
CA ASP F 67 45.39 4.85 10.76
C ASP F 67 43.89 4.57 10.88
N LEU F 68 43.21 5.27 11.77
CA LEU F 68 41.75 5.16 11.84
C LEU F 68 41.18 5.65 10.53
N LYS F 69 41.56 6.87 10.15
CA LYS F 69 41.17 7.42 8.87
C LYS F 69 41.53 6.41 7.79
N GLU F 70 42.74 5.85 7.89
CA GLU F 70 43.18 4.81 6.96
C GLU F 70 42.17 3.65 6.87
N ILE F 71 41.77 3.15 8.03
CA ILE F 71 40.88 1.98 8.12
C ILE F 71 39.53 2.29 7.52
N MET F 72 38.89 3.32 8.08
CA MET F 72 37.56 3.76 7.65
C MET F 72 37.56 4.05 6.15
N TYR F 73 38.61 4.70 5.67
CA TYR F 73 38.75 5.01 4.26
C TYR F 73 38.83 3.74 3.41
N ASP F 74 39.57 2.73 3.90
CA ASP F 74 39.67 1.44 3.22
C ASP F 74 38.27 0.87 2.93
N HIS F 75 37.32 1.18 3.80
CA HIS F 75 36.00 0.55 3.78
C HIS F 75 34.97 1.18 2.85
N LEU F 76 35.22 2.38 2.37
CA LEU F 76 34.23 3.07 1.54
C LEU F 76 34.67 3.10 0.10
N PRO F 77 33.70 3.00 -0.82
CA PRO F 77 33.88 3.20 -2.26
C PRO F 77 34.03 4.70 -2.57
N GLY F 78 34.01 5.07 -3.85
CA GLY F 78 34.11 6.47 -4.25
C GLY F 78 35.33 7.22 -3.72
N PHE F 79 35.40 8.50 -4.09
CA PHE F 79 36.37 9.42 -3.53
C PHE F 79 35.64 10.70 -3.14
N GLY F 80 36.04 11.32 -2.03
CA GLY F 80 35.41 12.56 -1.57
C GLY F 80 33.89 12.54 -1.55
N THR F 81 33.31 11.51 -0.93
CA THR F 81 31.88 11.43 -0.74
C THR F 81 31.50 11.99 0.63
N ALA F 82 30.22 12.19 0.88
CA ALA F 82 29.79 12.76 2.14
C ALA F 82 30.39 11.96 3.29
N PHE F 83 30.54 10.65 3.09
CA PHE F 83 31.09 9.77 4.14
C PHE F 83 32.61 9.89 4.31
N HIS F 84 33.35 10.16 3.23
CA HIS F 84 34.78 10.42 3.40
C HIS F 84 34.96 11.66 4.26
N GLN F 85 34.14 12.67 3.98
CA GLN F 85 34.15 13.89 4.78
C GLN F 85 33.83 13.57 6.23
N LEU F 86 32.81 12.74 6.45
CA LEU F 86 32.39 12.38 7.81
C LEU F 86 33.50 11.64 8.57
N VAL F 87 34.25 10.81 7.87
CA VAL F 87 35.44 10.17 8.45
C VAL F 87 36.41 11.21 8.97
N GLN F 88 36.68 12.23 8.15
CA GLN F 88 37.59 13.32 8.55
C GLN F 88 37.12 14.03 9.80
N VAL F 89 35.83 14.33 9.84
CA VAL F 89 35.25 15.05 10.96
C VAL F 89 35.28 14.20 12.23
N ILE F 90 35.01 12.91 12.08
CA ILE F 90 35.01 12.02 13.23
C ILE F 90 36.41 11.90 13.80
N CYS F 91 37.39 11.65 12.93
CA CYS F 91 38.77 11.52 13.42
C CYS F 91 39.28 12.80 14.07
N LYS F 92 38.97 13.97 13.51
CA LYS F 92 39.44 15.21 14.13
C LYS F 92 38.85 15.35 15.51
N ILE F 93 37.54 15.36 15.62
CA ILE F 93 36.90 15.41 16.94
C ILE F 93 37.40 14.27 17.80
N GLY F 94 37.80 13.16 17.17
CA GLY F 94 38.32 12.02 17.88
C GLY F 94 39.60 12.37 18.62
N LYS F 95 40.62 12.78 17.85
CA LYS F 95 41.88 13.24 18.41
C LYS F 95 41.65 14.20 19.56
N ASP F 96 41.04 15.34 19.24
CA ASP F 96 40.99 16.47 20.15
C ASP F 96 40.29 16.16 21.47
N ASN F 97 39.65 14.99 21.55
CA ASN F 97 38.88 14.65 22.75
C ASN F 97 39.27 13.29 23.35
N ASN F 98 40.26 12.64 22.72
CA ASN F 98 40.87 11.45 23.29
C ASN F 98 39.89 10.31 23.27
N LEU F 99 39.35 10.05 22.09
CA LEU F 99 38.28 9.08 21.94
C LEU F 99 38.48 8.26 20.70
N LEU F 100 39.64 8.39 20.07
CA LEU F 100 39.90 7.63 18.85
C LEU F 100 39.66 6.13 19.08
N ASP F 101 39.79 5.69 20.32
CA ASP F 101 39.63 4.27 20.62
C ASP F 101 38.16 3.89 20.82
N THR F 102 37.48 4.61 21.70
CA THR F 102 36.04 4.48 21.81
C THR F 102 35.44 4.41 20.41
N ILE F 103 35.93 5.28 19.52
CA ILE F 103 35.36 5.41 18.17
C ILE F 103 35.67 4.22 17.27
N HIS F 104 36.87 3.68 17.38
CA HIS F 104 37.25 2.51 16.58
C HIS F 104 36.38 1.34 17.00
N ALA F 105 36.18 1.20 18.31
CA ALA F 105 35.44 0.09 18.85
C ALA F 105 33.98 0.10 18.35
N GLU F 106 33.36 1.28 18.35
CA GLU F 106 32.00 1.41 17.83
C GLU F 106 31.95 1.12 16.32
N PHE F 107 32.98 1.52 15.59
CA PHE F 107 33.03 1.22 14.16
C PHE F 107 32.99 -0.29 13.97
N GLN F 108 33.82 -1.02 14.74
CA GLN F 108 33.91 -2.49 14.61
C GLN F 108 32.62 -3.17 15.03
N ALA F 109 32.06 -2.73 16.15
CA ALA F 109 30.83 -3.31 16.68
C ALA F 109 29.68 -3.17 15.71
N SER F 110 29.66 -2.07 14.95
CA SER F 110 28.58 -1.84 14.01
C SER F 110 28.72 -2.69 12.77
N LEU F 111 29.96 -2.96 12.37
CA LEU F 111 30.19 -3.90 11.28
C LEU F 111 29.76 -5.29 11.73
N ALA F 112 30.04 -5.65 12.99
CA ALA F 112 29.57 -6.93 13.54
C ALA F 112 28.04 -7.04 13.54
N ASP F 113 27.33 -5.93 13.77
CA ASP F 113 25.87 -5.95 13.72
C ASP F 113 25.40 -6.14 12.30
N GLY F 114 26.32 -5.96 11.36
CA GLY F 114 25.99 -6.11 9.95
C GLY F 114 25.80 -4.79 9.22
N ASP F 115 26.15 -3.69 9.88
CA ASP F 115 26.00 -2.37 9.26
C ASP F 115 26.97 -2.15 8.10
N SER F 116 26.48 -1.58 7.01
CA SER F 116 27.34 -1.08 5.95
C SER F 116 28.26 -0.05 6.58
N PRO F 117 29.50 0.10 6.06
CA PRO F 117 30.47 1.03 6.68
C PRO F 117 29.96 2.47 6.72
N GLN F 118 29.19 2.87 5.72
CA GLN F 118 28.47 4.14 5.78
C GLN F 118 27.62 4.23 7.04
N CYS F 119 26.78 3.22 7.24
CA CYS F 119 25.92 3.16 8.41
C CYS F 119 26.74 3.17 9.69
N ALA F 120 27.90 2.53 9.69
CA ALA F 120 28.75 2.44 10.87
C ALA F 120 29.24 3.82 11.29
N LEU F 121 29.65 4.60 10.30
CA LEU F 121 30.06 5.99 10.52
C LEU F 121 28.94 6.75 11.18
N ILE F 122 27.73 6.56 10.67
CA ILE F 122 26.53 7.17 11.23
C ILE F 122 26.28 6.73 12.68
N GLN F 123 26.52 5.45 12.98
CA GLN F 123 26.28 4.94 14.32
C GLN F 123 27.20 5.62 15.31
N ILE F 124 28.45 5.83 14.91
CA ILE F 124 29.37 6.58 15.75
C ILE F 124 28.80 7.93 16.14
N THR F 125 28.25 8.69 15.18
CA THR F 125 27.77 10.02 15.49
C THR F 125 26.61 9.93 16.47
N LYS F 126 25.82 8.88 16.37
CA LYS F 126 24.63 8.72 17.19
C LYS F 126 24.87 8.04 18.52
N ARG F 127 25.99 7.31 18.64
CA ARG F 127 26.26 6.51 19.84
C ARG F 127 27.42 7.01 20.71
N VAL F 128 28.43 7.62 20.09
CA VAL F 128 29.52 8.20 20.87
C VAL F 128 29.15 9.61 21.23
N PRO F 129 28.93 9.85 22.53
CA PRO F 129 28.24 11.04 23.05
C PRO F 129 28.89 12.40 22.69
N ILE F 130 30.20 12.38 22.42
CA ILE F 130 30.91 13.60 22.07
C ILE F 130 30.21 14.33 20.93
N PHE F 131 29.63 13.56 20.00
CA PHE F 131 29.10 14.13 18.76
C PHE F 131 27.75 14.80 18.93
N GLN F 132 27.14 14.63 20.09
CA GLN F 132 25.89 15.32 20.39
C GLN F 132 26.24 16.64 21.07
N ASP F 133 27.53 16.92 21.24
CA ASP F 133 27.99 18.03 22.07
C ASP F 133 28.98 18.98 21.37
N VAL F 134 29.48 18.59 20.21
CA VAL F 134 30.41 19.41 19.45
C VAL F 134 29.73 19.73 18.12
N PRO F 135 29.67 21.02 17.74
CA PRO F 135 28.89 21.32 16.54
C PRO F 135 29.65 20.90 15.30
N PRO F 136 28.98 20.81 14.15
CA PRO F 136 29.70 20.44 12.93
C PRO F 136 30.78 21.48 12.68
N PRO F 137 31.98 21.03 12.34
CA PRO F 137 33.04 22.04 12.21
C PRO F 137 32.82 22.96 11.02
N ILE F 138 33.22 24.22 11.18
CA ILE F 138 33.22 25.19 10.09
C ILE F 138 34.46 24.93 9.26
N ILE F 139 34.31 24.97 7.96
CA ILE F 139 35.43 24.78 7.04
C ILE F 139 35.38 25.92 6.04
N HIS F 140 36.33 26.84 6.15
CA HIS F 140 36.36 28.02 5.27
C HIS F 140 36.87 27.66 3.89
N ILE F 141 36.05 27.95 2.87
CA ILE F 141 36.42 27.73 1.49
C ILE F 141 36.13 29.00 0.69
N ARG F 142 36.61 29.03 -0.55
CA ARG F 142 36.37 30.17 -1.42
C ARG F 142 34.97 30.14 -2.03
N SER F 143 34.72 29.11 -2.82
CA SER F 143 33.42 28.96 -3.45
C SER F 143 33.00 27.51 -3.52
N ARG F 144 31.74 27.31 -3.85
CA ARG F 144 31.09 26.02 -3.76
C ARG F 144 31.73 24.96 -4.67
N GLY F 145 32.41 25.40 -5.73
CA GLY F 145 33.18 24.51 -6.57
C GLY F 145 34.27 23.76 -5.82
N ASP F 146 34.80 24.39 -4.78
CA ASP F 146 35.85 23.78 -3.94
C ASP F 146 35.40 22.49 -3.24
N ILE F 147 34.09 22.32 -3.08
CA ILE F 147 33.53 21.10 -2.49
C ILE F 147 33.52 20.01 -3.55
N PRO F 148 33.92 18.78 -3.17
CA PRO F 148 33.98 17.63 -4.09
C PRO F 148 32.65 17.29 -4.75
N ARG F 149 32.70 16.75 -5.97
CA ARG F 149 31.50 16.49 -6.77
C ARG F 149 30.50 15.64 -6.01
N ALA F 150 30.98 14.55 -5.43
CA ALA F 150 30.14 13.60 -4.71
C ALA F 150 29.32 14.24 -3.59
N CYS F 151 29.83 15.33 -3.01
CA CYS F 151 29.17 16.02 -1.91
C CYS F 151 28.14 17.02 -2.40
N GLN F 152 28.25 17.42 -3.66
CA GLN F 152 27.43 18.51 -4.19
C GLN F 152 25.94 18.30 -3.94
N LYS F 153 25.51 17.05 -4.06
CA LYS F 153 24.09 16.71 -4.00
C LYS F 153 23.56 16.80 -2.58
N SER F 154 24.48 16.89 -1.62
CA SER F 154 24.11 16.82 -0.22
C SER F 154 24.22 18.14 0.51
N LEU F 155 24.39 19.24 -0.21
CA LEU F 155 24.48 20.56 0.43
C LEU F 155 23.10 21.19 0.63
N ARG F 156 22.91 21.76 1.81
CA ARG F 156 21.62 22.29 2.24
C ARG F 156 21.90 23.50 3.11
N PRO F 157 21.02 24.50 3.10
CA PRO F 157 21.18 25.60 4.05
C PRO F 157 21.06 25.06 5.46
N ALA F 158 21.93 25.47 6.38
CA ALA F 158 21.89 24.90 7.71
C ALA F 158 20.92 25.69 8.60
N PRO F 159 20.12 24.98 9.39
CA PRO F 159 19.24 25.60 10.38
C PRO F 159 19.98 25.88 11.67
N PRO F 160 19.33 26.58 12.61
CA PRO F 160 19.97 26.90 13.87
C PRO F 160 20.46 25.64 14.61
N SER F 161 21.65 25.72 15.20
CA SER F 161 22.21 24.63 15.99
C SER F 161 22.16 23.29 15.28
N PRO F 162 22.75 23.20 14.08
CA PRO F 162 22.77 21.92 13.35
C PRO F 162 23.60 20.89 14.11
N LYS F 163 23.09 19.67 14.27
CA LYS F 163 23.76 18.65 15.07
C LYS F 163 24.37 17.54 14.21
N ILE F 164 25.58 17.10 14.59
CA ILE F 164 26.28 16.07 13.83
C ILE F 164 25.51 14.75 13.86
N ASP F 165 24.95 14.41 15.02
CA ASP F 165 24.27 13.14 15.16
C ASP F 165 22.92 13.19 14.45
N ARG F 166 22.58 14.30 13.82
CA ARG F 166 21.35 14.38 13.01
C ARG F 166 21.68 14.39 11.53
N GLY F 167 22.96 14.25 11.20
CA GLY F 167 23.39 14.15 9.81
C GLY F 167 24.20 15.32 9.29
N TRP F 168 24.35 16.38 10.09
CA TRP F 168 25.13 17.55 9.66
C TRP F 168 26.63 17.32 9.90
N VAL F 169 27.35 17.07 8.82
CA VAL F 169 28.75 16.64 8.88
C VAL F 169 29.68 17.81 9.13
N CYS F 170 29.52 18.88 8.36
CA CYS F 170 30.32 20.07 8.50
C CYS F 170 29.61 21.25 7.85
N LEU F 171 30.18 22.43 8.04
CA LEU F 171 29.60 23.65 7.46
C LEU F 171 30.63 24.34 6.58
N PHE F 172 30.33 24.43 5.29
CA PHE F 172 31.21 25.08 4.34
C PHE F 172 30.90 26.56 4.25
N LYS F 173 31.84 27.39 4.72
CA LYS F 173 31.67 28.84 4.70
C LYS F 173 32.47 29.45 3.55
N MET F 174 31.78 30.03 2.59
CA MET F 174 32.41 30.57 1.40
C MET F 174 32.65 32.07 1.53
N GLN F 175 33.39 32.65 0.61
CA GLN F 175 33.80 34.05 0.77
C GLN F 175 32.72 35.04 0.41
N ASP F 176 31.60 34.57 -0.15
CA ASP F 176 30.42 35.41 -0.33
C ASP F 176 29.48 35.42 0.89
N GLY F 177 29.89 34.80 1.99
CA GLY F 177 29.11 34.84 3.21
C GLY F 177 28.18 33.65 3.37
N LYS F 178 27.82 33.04 2.24
CA LYS F 178 26.94 31.86 2.24
C LYS F 178 27.57 30.65 2.92
N THR F 179 26.81 30.05 3.83
CA THR F 179 27.17 28.79 4.46
C THR F 179 26.28 27.66 3.96
N LEU F 180 26.89 26.54 3.62
CA LEU F 180 26.15 25.34 3.22
C LEU F 180 26.56 24.14 4.05
N GLY F 181 25.59 23.51 4.70
CA GLY F 181 25.87 22.31 5.46
C GLY F 181 25.95 21.09 4.55
N LEU F 182 26.84 20.16 4.89
CA LEU F 182 26.87 18.83 4.25
C LEU F 182 25.93 17.91 5.02
N LYS F 183 24.80 17.55 4.43
CA LYS F 183 23.77 16.83 5.16
C LYS F 183 23.63 15.40 4.68
N ILE F 184 23.66 14.48 5.64
CA ILE F 184 23.54 13.06 5.38
C ILE F 184 22.15 12.57 5.81
#